data_7M4C
#
_entry.id   7M4C
#
_cell.length_a   56.021
_cell.length_b   62.641
_cell.length_c   140.120
_cell.angle_alpha   90.000
_cell.angle_beta   90.000
_cell.angle_gamma   90.000
#
_symmetry.space_group_name_H-M   'P 21 21 21'
#
loop_
_entity.id
_entity.type
_entity.pdbx_description
1 polymer 'DNA polymerase lambda'
2 polymer "DNA (5'-D(*CP*GP*GP*CP*AP*GP*TP*AP*CP*TP*G)-3')"
3 polymer "DNA (5'-D(*CP*AP*GP*TP*AP*CP*T)-3')"
4 polymer "DNA (5'-D(P*GP*CP*CP*G)-3')"
5 non-polymer PYROPHOSPHATE
6 non-polymer 'MANGANESE (II) ION'
7 non-polymer 'SODIUM ION'
8 non-polymer 1,2-ETHANEDIOL
9 water water
#
loop_
_entity_poly.entity_id
_entity_poly.type
_entity_poly.pdbx_seq_one_letter_code
_entity_poly.pdbx_strand_id
1 'polypeptide(L)'
;AQPSSQKATNHNLHITEKLEVLAKAYSVQGDKWRALGYAKAINALKSFHKPVTSYQEACSIPGIGKRMAEKIIEILESGH
LRKLDHISESVPVLELFSNIWGAGTKTAQMWYQQGFRSLEDIRSQASLTTQQAIGLKHYSDFLERMPREEATEIEQTVQK
AAQAFNSGLLCVACGSYRRGKATCGDVDVLITHPDGRSHRGIFSRLLDSLRQEGFLTDDLVKGETKYLGVCRLPGPGRRH
RRLDIIVVPYSEFACALLYFTGSAHFNRSMRALAKTKGMSLSEHALSTAVVRNTHGAKVGPGRVLPTPTEKDVFRLLGLP
YREPAERDW
;
A
2 'polydeoxyribonucleotide' (DC)(DG)(DG)(DC)(DA)(DG)(DT)(DA)(DC)(DT)(DG) T
3 'polydeoxyribonucleotide' (DC)(DA)(DG)(DT)(DA)(DC)(DT) P
4 'polydeoxyribonucleotide' (DG)(DC)(DC)(DG) D
#
loop_
_chem_comp.id
_chem_comp.type
_chem_comp.name
_chem_comp.formula
DA DNA linking 2'-DEOXYADENOSINE-5'-MONOPHOSPHATE 'C10 H14 N5 O6 P'
DC DNA linking 2'-DEOXYCYTIDINE-5'-MONOPHOSPHATE 'C9 H14 N3 O7 P'
DG DNA linking 2'-DEOXYGUANOSINE-5'-MONOPHOSPHATE 'C10 H14 N5 O7 P'
DT DNA linking THYMIDINE-5'-MONOPHOSPHATE 'C10 H15 N2 O8 P'
EDO non-polymer 1,2-ETHANEDIOL 'C2 H6 O2'
MN non-polymer 'MANGANESE (II) ION' 'Mn 2'
NA non-polymer 'SODIUM ION' 'Na 1'
PPV non-polymer PYROPHOSPHATE 'H4 O7 P2'
#
# COMPACT_ATOMS: atom_id res chain seq x y z
N ASN A 10 2.12 8.24 20.93
CA ASN A 10 2.30 9.47 20.17
C ASN A 10 2.13 10.68 21.10
N HIS A 11 3.23 11.43 21.21
CA HIS A 11 3.32 12.61 22.07
C HIS A 11 2.44 13.76 21.61
N ASN A 12 1.89 13.71 20.40
CA ASN A 12 1.34 14.89 19.75
C ASN A 12 0.04 14.58 18.99
N LEU A 13 -0.87 13.82 19.64
CA LEU A 13 -2.13 13.47 18.98
C LEU A 13 -2.98 14.70 18.72
N HIS A 14 -3.02 15.63 19.69
CA HIS A 14 -3.83 16.83 19.56
C HIS A 14 -3.48 17.64 18.32
N ILE A 15 -2.22 17.58 17.86
CA ILE A 15 -1.89 18.17 16.57
C ILE A 15 -2.21 17.20 15.43
N THR A 16 -1.67 15.98 15.51
CA THR A 16 -1.74 15.03 14.41
C THR A 16 -3.17 14.80 13.94
N GLU A 17 -4.11 14.73 14.88
CA GLU A 17 -5.49 14.45 14.51
C GLU A 17 -6.07 15.54 13.64
N LYS A 18 -5.75 16.80 13.94
CA LYS A 18 -6.19 17.89 13.07
C LYS A 18 -5.47 17.84 11.73
N LEU A 19 -4.15 17.59 11.73
CA LEU A 19 -3.42 17.55 10.45
C LEU A 19 -3.90 16.42 9.54
N GLU A 20 -4.26 15.27 10.11
CA GLU A 20 -4.69 14.17 9.24
C GLU A 20 -5.93 14.56 8.46
N VAL A 21 -6.80 15.39 9.05
CA VAL A 21 -8.01 15.80 8.35
C VAL A 21 -7.65 16.61 7.11
N LEU A 22 -6.67 17.50 7.24
CA LEU A 22 -6.20 18.24 6.06
C LEU A 22 -5.55 17.32 5.05
N ALA A 23 -4.74 16.38 5.53
CA ALA A 23 -4.04 15.49 4.61
C ALA A 23 -5.04 14.74 3.73
N LYS A 24 -6.05 14.13 4.37
CA LYS A 24 -7.05 13.37 3.64
C LYS A 24 -7.77 14.25 2.63
N ALA A 25 -8.11 15.46 3.05
CA ALA A 25 -8.79 16.42 2.18
C ALA A 25 -7.97 16.71 0.94
N TYR A 26 -6.69 17.09 1.11
CA TYR A 26 -5.84 17.31 -0.08
C TYR A 26 -5.75 16.05 -0.92
N SER A 27 -5.64 14.89 -0.29
CA SER A 27 -5.48 13.64 -1.01
C SER A 27 -6.69 13.32 -1.89
N VAL A 28 -7.90 13.31 -1.30
CA VAL A 28 -9.08 12.95 -2.10
C VAL A 28 -9.33 13.99 -3.18
N GLN A 29 -8.86 15.23 -2.99
CA GLN A 29 -8.97 16.25 -4.02
C GLN A 29 -7.85 16.20 -5.06
N GLY A 30 -6.96 15.23 -5.00
CA GLY A 30 -5.96 15.10 -6.05
C GLY A 30 -4.67 15.86 -5.86
N ASP A 31 -4.51 16.60 -4.76
CA ASP A 31 -3.31 17.40 -4.51
C ASP A 31 -2.29 16.50 -3.81
N LYS A 32 -1.69 15.63 -4.64
CA LYS A 32 -0.96 14.46 -4.13
C LYS A 32 0.31 14.86 -3.40
N TRP A 33 1.04 15.86 -3.90
CA TRP A 33 2.31 16.21 -3.29
C TRP A 33 2.11 16.95 -1.98
N ARG A 34 1.10 17.82 -1.92
CA ARG A 34 0.80 18.49 -0.65
C ARG A 34 0.40 17.45 0.37
N ALA A 35 -0.48 16.51 -0.03
CA ALA A 35 -0.89 15.44 0.86
C ALA A 35 0.32 14.62 1.31
N LEU A 36 1.24 14.34 0.39
CA LEU A 36 2.47 13.63 0.78
C LEU A 36 3.24 14.41 1.84
N GLY A 37 3.38 15.72 1.68
CA GLY A 37 4.06 16.51 2.69
C GLY A 37 3.39 16.40 4.05
N TYR A 38 2.06 16.45 4.06
CA TYR A 38 1.34 16.31 5.32
C TYR A 38 1.57 14.93 5.93
N ALA A 39 1.50 13.88 5.11
CA ALA A 39 1.68 12.53 5.62
C ALA A 39 3.03 12.38 6.30
N LYS A 40 4.08 12.96 5.73
CA LYS A 40 5.41 12.82 6.29
C LYS A 40 5.54 13.61 7.58
N ALA A 41 4.99 14.82 7.62
CA ALA A 41 5.05 15.61 8.85
C ALA A 41 4.30 14.91 9.97
N ILE A 42 3.18 14.28 9.63
CA ILE A 42 2.35 13.60 10.63
C ILE A 42 3.12 12.45 11.24
N ASN A 43 3.79 11.64 10.41
CA ASN A 43 4.61 10.56 10.96
C ASN A 43 5.76 11.11 11.79
N ALA A 44 6.51 12.06 11.21
CA ALA A 44 7.55 12.74 11.97
C ALA A 44 7.05 13.15 13.35
N LEU A 45 5.86 13.76 13.42
CA LEU A 45 5.37 14.20 14.72
C LEU A 45 4.85 13.03 15.55
N LYS A 46 4.33 11.99 14.90
CA LYS A 46 3.88 10.84 15.69
C LYS A 46 5.03 10.03 16.28
N SER A 47 6.28 10.31 15.87
N SER A 47 6.27 10.31 15.85
CA SER A 47 7.44 9.60 16.38
CA SER A 47 7.45 9.61 16.35
C SER A 47 8.42 10.54 17.08
C SER A 47 8.31 10.47 17.27
N PHE A 48 8.00 11.75 17.43
CA PHE A 48 8.79 12.59 18.32
C PHE A 48 8.63 12.10 19.76
N HIS A 49 9.72 12.10 20.53
CA HIS A 49 9.65 11.57 21.88
C HIS A 49 8.71 12.40 22.75
N LYS A 50 8.95 13.71 22.83
CA LYS A 50 8.17 14.59 23.69
C LYS A 50 7.16 15.38 22.89
N PRO A 51 6.15 15.93 23.56
CA PRO A 51 5.28 16.90 22.89
C PRO A 51 6.07 18.09 22.36
N VAL A 52 5.60 18.60 21.21
CA VAL A 52 6.15 19.81 20.57
C VAL A 52 5.62 21.03 21.34
N THR A 53 6.53 21.95 21.70
CA THR A 53 6.10 23.10 22.51
C THR A 53 6.52 24.46 21.98
N SER A 54 7.43 24.51 21.01
CA SER A 54 7.97 25.75 20.47
C SER A 54 7.98 25.69 18.94
N TYR A 55 7.73 26.85 18.33
CA TYR A 55 7.80 26.95 16.87
C TYR A 55 9.18 26.55 16.36
N GLN A 56 10.24 26.90 17.09
CA GLN A 56 11.58 26.51 16.68
C GLN A 56 11.88 25.06 17.04
N GLU A 57 11.19 24.51 18.04
CA GLU A 57 11.22 23.07 18.24
C GLU A 57 10.50 22.36 17.10
N ALA A 58 9.31 22.85 16.75
CA ALA A 58 8.60 22.26 15.61
C ALA A 58 9.49 22.28 14.38
N CYS A 59 9.94 23.48 13.99
CA CYS A 59 10.86 23.59 12.86
C CYS A 59 12.09 22.69 13.04
N SER A 60 12.35 22.22 14.28
CA SER A 60 13.48 21.36 14.59
C SER A 60 13.39 20.00 13.93
N ILE A 61 12.20 19.55 13.57
CA ILE A 61 11.95 18.17 13.18
C ILE A 61 12.04 18.03 11.66
N PRO A 62 12.67 16.97 11.15
CA PRO A 62 12.70 16.78 9.70
C PRO A 62 11.31 16.42 9.19
N GLY A 63 10.85 17.15 8.18
CA GLY A 63 9.49 17.03 7.70
C GLY A 63 8.56 18.09 8.22
N ILE A 64 9.03 18.98 9.09
CA ILE A 64 8.26 20.14 9.55
C ILE A 64 9.03 21.40 9.16
N GLY A 65 8.44 22.20 8.26
CA GLY A 65 8.97 23.49 7.92
C GLY A 65 8.19 24.64 8.52
N LYS A 66 8.35 25.82 7.91
CA LYS A 66 7.69 27.04 8.41
C LYS A 66 6.19 26.89 8.39
N ARG A 67 5.62 26.51 7.24
CA ARG A 67 4.18 26.45 7.12
C ARG A 67 3.59 25.48 8.14
N MET A 68 4.26 24.36 8.37
CA MET A 68 3.72 23.34 9.25
C MET A 68 3.99 23.69 10.70
N ALA A 69 5.15 24.29 10.99
CA ALA A 69 5.39 24.84 12.33
C ALA A 69 4.32 25.86 12.70
N GLU A 70 3.97 26.75 11.77
CA GLU A 70 2.93 27.74 12.04
C GLU A 70 1.64 27.06 12.48
N LYS A 71 1.19 26.09 11.69
CA LYS A 71 -0.04 25.38 11.99
C LYS A 71 0.02 24.72 13.35
N ILE A 72 1.17 24.13 13.70
CA ILE A 72 1.24 23.50 15.01
C ILE A 72 1.22 24.56 16.10
N ILE A 73 1.69 25.77 15.82
CA ILE A 73 1.64 26.83 16.84
C ILE A 73 0.22 27.33 17.03
N GLU A 74 -0.55 27.43 15.93
CA GLU A 74 -1.97 27.74 16.07
C GLU A 74 -2.67 26.67 16.91
N ILE A 75 -2.30 25.41 16.71
CA ILE A 75 -2.99 24.33 17.41
C ILE A 75 -2.77 24.42 18.91
N LEU A 76 -1.52 24.62 19.34
CA LEU A 76 -1.24 24.58 20.77
C LEU A 76 -1.71 25.84 21.50
N GLU A 77 -1.71 26.99 20.84
CA GLU A 77 -2.19 28.23 21.45
C GLU A 77 -3.71 28.35 21.37
N SER A 78 -4.32 27.75 20.35
CA SER A 78 -5.74 27.86 20.05
C SER A 78 -6.54 26.63 20.46
N GLY A 79 -5.91 25.44 20.46
CA GLY A 79 -6.65 24.21 20.45
C GLY A 79 -7.31 23.88 19.14
N HIS A 80 -7.14 24.70 18.11
CA HIS A 80 -7.82 24.48 16.84
C HIS A 80 -6.97 24.96 15.67
N LEU A 81 -7.43 24.64 14.46
CA LEU A 81 -6.81 25.10 13.21
C LEU A 81 -7.91 25.58 12.28
N ARG A 82 -7.94 26.88 11.99
CA ARG A 82 -9.11 27.43 11.33
C ARG A 82 -9.21 26.97 9.86
N LYS A 83 -8.10 26.58 9.24
CA LYS A 83 -8.21 26.02 7.89
C LYS A 83 -9.20 24.87 7.83
N LEU A 84 -9.38 24.17 8.95
CA LEU A 84 -10.34 23.08 9.00
C LEU A 84 -11.76 23.55 8.67
N ASP A 85 -12.07 24.81 8.94
CA ASP A 85 -13.41 25.32 8.73
C ASP A 85 -13.70 25.67 7.29
N HIS A 86 -12.70 25.62 6.42
CA HIS A 86 -12.86 26.00 5.03
C HIS A 86 -12.62 24.82 4.08
N ILE A 87 -12.63 23.60 4.62
CA ILE A 87 -12.51 22.42 3.77
C ILE A 87 -13.78 22.26 2.98
N SER A 88 -13.65 22.03 1.67
CA SER A 88 -14.82 21.94 0.81
C SER A 88 -15.82 20.92 1.33
N GLU A 89 -17.10 21.24 1.12
CA GLU A 89 -18.20 20.33 1.42
C GLU A 89 -18.13 19.08 0.58
N SER A 90 -17.37 19.08 -0.51
CA SER A 90 -17.30 17.91 -1.36
C SER A 90 -16.45 16.78 -0.76
N VAL A 91 -15.59 17.08 0.21
CA VAL A 91 -14.56 16.12 0.58
C VAL A 91 -15.15 14.82 1.13
N PRO A 92 -16.15 14.84 2.01
CA PRO A 92 -16.69 13.55 2.50
C PRO A 92 -17.23 12.68 1.38
N VAL A 93 -17.84 13.32 0.38
CA VAL A 93 -18.38 12.55 -0.74
C VAL A 93 -17.23 12.03 -1.61
N LEU A 94 -16.23 12.88 -1.87
CA LEU A 94 -15.07 12.38 -2.63
C LEU A 94 -14.42 11.22 -1.92
N GLU A 95 -14.34 11.28 -0.59
CA GLU A 95 -13.79 10.15 0.15
C GLU A 95 -14.67 8.92 0.00
N LEU A 96 -15.98 9.11 0.11
CA LEU A 96 -16.90 7.98 -0.05
C LEU A 96 -16.67 7.29 -1.38
N PHE A 97 -16.57 8.07 -2.45
CA PHE A 97 -16.45 7.50 -3.78
C PHE A 97 -15.08 6.86 -4.01
N SER A 98 -14.00 7.51 -3.58
CA SER A 98 -12.67 6.94 -3.81
C SER A 98 -12.37 5.75 -2.92
N ASN A 99 -13.23 5.45 -1.94
CA ASN A 99 -13.10 4.17 -1.26
C ASN A 99 -13.70 3.00 -2.04
N ILE A 100 -14.27 3.24 -3.22
CA ILE A 100 -14.60 2.17 -4.16
C ILE A 100 -13.30 1.72 -4.82
N TRP A 101 -12.98 0.44 -4.69
CA TRP A 101 -11.82 -0.13 -5.37
C TRP A 101 -11.92 0.10 -6.87
N GLY A 102 -10.91 0.77 -7.42
CA GLY A 102 -10.88 1.02 -8.84
C GLY A 102 -11.27 2.43 -9.21
N ALA A 103 -11.77 3.20 -8.25
CA ALA A 103 -12.11 4.61 -8.45
C ALA A 103 -11.12 5.39 -7.60
N GLY A 104 -10.41 6.32 -8.22
CA GLY A 104 -9.53 7.22 -7.51
C GLY A 104 -10.05 8.64 -7.54
N THR A 105 -9.12 9.59 -7.31
CA THR A 105 -9.51 11.00 -7.25
C THR A 105 -10.19 11.47 -8.53
N LYS A 106 -9.68 11.10 -9.73
CA LYS A 106 -10.28 11.68 -10.93
C LYS A 106 -11.70 11.18 -11.15
N THR A 107 -11.93 9.90 -10.90
CA THR A 107 -13.27 9.35 -11.01
C THR A 107 -14.21 9.92 -9.96
N ALA A 108 -13.77 10.00 -8.71
CA ALA A 108 -14.57 10.63 -7.67
C ALA A 108 -14.96 12.06 -8.05
N GLN A 109 -14.00 12.86 -8.54
CA GLN A 109 -14.30 14.25 -8.88
C GLN A 109 -15.29 14.31 -10.04
N MET A 110 -15.16 13.40 -10.99
CA MET A 110 -16.06 13.41 -12.14
C MET A 110 -17.47 13.06 -11.69
N TRP A 111 -17.62 12.02 -10.87
CA TRP A 111 -18.94 11.70 -10.35
C TRP A 111 -19.55 12.85 -9.57
N TYR A 112 -18.73 13.54 -8.78
CA TYR A 112 -19.23 14.67 -7.99
C TYR A 112 -19.69 15.78 -8.92
N GLN A 113 -18.86 16.06 -9.93
CA GLN A 113 -19.20 17.06 -10.93
CA GLN A 113 -19.21 17.07 -10.93
C GLN A 113 -20.52 16.72 -11.60
N GLN A 114 -20.75 15.44 -11.86
CA GLN A 114 -21.98 15.01 -12.53
C GLN A 114 -23.17 14.97 -11.60
N GLY A 115 -23.01 15.36 -10.34
CA GLY A 115 -24.12 15.45 -9.41
C GLY A 115 -24.30 14.26 -8.49
N PHE A 116 -23.45 13.25 -8.58
N PHE A 116 -23.44 13.27 -8.53
CA PHE A 116 -23.56 12.10 -7.68
CA PHE A 116 -23.64 12.11 -7.66
C PHE A 116 -23.18 12.52 -6.26
C PHE A 116 -23.12 12.43 -6.27
N ARG A 117 -23.87 11.96 -5.26
CA ARG A 117 -23.61 12.32 -3.89
C ARG A 117 -23.61 11.13 -2.92
N SER A 118 -24.09 9.96 -3.32
CA SER A 118 -24.27 8.80 -2.47
C SER A 118 -23.89 7.56 -3.27
N LEU A 119 -23.62 6.45 -2.55
CA LEU A 119 -23.40 5.21 -3.27
C LEU A 119 -24.68 4.73 -3.95
N GLU A 120 -25.85 5.13 -3.43
CA GLU A 120 -27.09 4.84 -4.14
C GLU A 120 -27.09 5.51 -5.52
N ASP A 121 -26.67 6.78 -5.57
CA ASP A 121 -26.52 7.46 -6.85
C ASP A 121 -25.57 6.71 -7.80
N ILE A 122 -24.43 6.26 -7.27
CA ILE A 122 -23.47 5.50 -8.10
C ILE A 122 -24.13 4.20 -8.60
N ARG A 123 -24.67 3.42 -7.67
CA ARG A 123 -25.34 2.17 -8.01
C ARG A 123 -26.36 2.37 -9.12
N SER A 124 -27.21 3.37 -8.99
CA SER A 124 -28.34 3.47 -9.91
C SER A 124 -27.99 4.19 -11.20
N GLN A 125 -26.99 5.06 -11.19
CA GLN A 125 -26.78 5.98 -12.31
C GLN A 125 -25.36 6.03 -12.86
N ALA A 126 -24.35 5.55 -12.16
CA ALA A 126 -22.99 5.71 -12.69
C ALA A 126 -22.62 4.60 -13.64
N SER A 127 -21.78 4.93 -14.62
N SER A 127 -21.75 4.92 -14.60
CA SER A 127 -21.13 3.95 -15.48
CA SER A 127 -21.17 3.92 -15.50
C SER A 127 -19.92 3.42 -14.73
C SER A 127 -19.90 3.40 -14.82
N LEU A 128 -19.89 2.12 -14.45
CA LEU A 128 -18.82 1.56 -13.64
C LEU A 128 -17.94 0.64 -14.49
N THR A 129 -16.64 0.70 -14.25
CA THR A 129 -15.79 -0.34 -14.82
C THR A 129 -16.12 -1.68 -14.16
N THR A 130 -15.70 -2.75 -14.81
CA THR A 130 -15.79 -4.06 -14.21
C THR A 130 -15.16 -4.08 -12.80
N GLN A 131 -13.98 -3.49 -12.63
CA GLN A 131 -13.34 -3.47 -11.32
C GLN A 131 -14.18 -2.68 -10.32
N GLN A 132 -14.72 -1.55 -10.73
CA GLN A 132 -15.44 -0.68 -9.80
C GLN A 132 -16.76 -1.31 -9.34
N ALA A 133 -17.41 -2.06 -10.23
CA ALA A 133 -18.63 -2.76 -9.84
C ALA A 133 -18.35 -3.81 -8.77
N ILE A 134 -17.22 -4.51 -8.89
CA ILE A 134 -16.77 -5.44 -7.86
C ILE A 134 -16.41 -4.70 -6.60
N GLY A 135 -15.68 -3.60 -6.74
CA GLY A 135 -15.39 -2.79 -5.56
C GLY A 135 -16.65 -2.32 -4.85
N LEU A 136 -17.64 -1.89 -5.61
CA LEU A 136 -18.86 -1.40 -4.97
C LEU A 136 -19.60 -2.53 -4.27
N LYS A 137 -19.69 -3.70 -4.93
CA LYS A 137 -20.33 -4.87 -4.33
C LYS A 137 -19.71 -5.22 -2.97
N HIS A 138 -18.42 -4.99 -2.79
CA HIS A 138 -17.72 -5.34 -1.56
C HIS A 138 -17.32 -4.10 -0.76
N TYR A 139 -18.08 -3.02 -0.91
CA TYR A 139 -17.62 -1.75 -0.34
C TYR A 139 -17.30 -1.85 1.16
N SER A 140 -18.24 -2.37 1.95
CA SER A 140 -18.02 -2.52 3.37
C SER A 140 -16.88 -3.49 3.66
N ASP A 141 -16.91 -4.68 3.07
CA ASP A 141 -15.91 -5.71 3.38
C ASP A 141 -14.49 -5.20 3.15
N PHE A 142 -14.27 -4.45 2.05
CA PHE A 142 -12.91 -4.03 1.74
C PHE A 142 -12.41 -2.95 2.67
N LEU A 143 -13.30 -2.28 3.40
CA LEU A 143 -12.86 -1.34 4.41
C LEU A 143 -12.55 -2.01 5.75
N GLU A 144 -12.77 -3.31 5.89
CA GLU A 144 -12.58 -3.95 7.18
C GLU A 144 -11.28 -4.74 7.17
N ARG A 145 -10.61 -4.76 8.31
CA ARG A 145 -9.42 -5.60 8.43
C ARG A 145 -9.85 -6.98 8.92
N MET A 146 -8.94 -7.95 8.82
CA MET A 146 -9.15 -9.30 9.30
C MET A 146 -8.18 -9.65 10.41
N PRO A 147 -8.55 -10.58 11.30
CA PRO A 147 -7.58 -11.07 12.26
C PRO A 147 -6.43 -11.77 11.55
N ARG A 148 -5.26 -11.65 12.18
CA ARG A 148 -4.06 -12.31 11.68
C ARG A 148 -4.34 -13.75 11.34
N GLU A 149 -5.07 -14.43 12.22
CA GLU A 149 -5.34 -15.86 12.10
C GLU A 149 -6.08 -16.16 10.80
N GLU A 150 -6.91 -15.23 10.33
CA GLU A 150 -7.62 -15.47 9.08
C GLU A 150 -6.68 -15.30 7.89
N ALA A 151 -5.79 -14.32 7.94
CA ALA A 151 -4.76 -14.20 6.91
C ALA A 151 -3.96 -15.49 6.79
N THR A 152 -3.66 -16.12 7.92
CA THR A 152 -2.96 -17.41 7.87
C THR A 152 -3.78 -18.42 7.08
N GLU A 153 -5.07 -18.54 7.39
CA GLU A 153 -5.90 -19.51 6.67
C GLU A 153 -5.93 -19.20 5.17
N ILE A 154 -5.97 -17.92 4.81
CA ILE A 154 -5.97 -17.57 3.39
C ILE A 154 -4.64 -17.94 2.75
N GLU A 155 -3.52 -17.56 3.39
N GLU A 155 -3.53 -17.56 3.38
CA GLU A 155 -2.20 -17.94 2.89
CA GLU A 155 -2.22 -17.92 2.86
C GLU A 155 -2.13 -19.44 2.70
C GLU A 155 -2.09 -19.43 2.72
N GLN A 156 -2.59 -20.19 3.70
CA GLN A 156 -2.48 -21.64 3.65
C GLN A 156 -3.37 -22.24 2.56
N THR A 157 -4.51 -21.61 2.28
CA THR A 157 -5.36 -22.06 1.19
C THR A 157 -4.65 -21.92 -0.17
N VAL A 158 -3.99 -20.79 -0.39
CA VAL A 158 -3.25 -20.58 -1.63
C VAL A 158 -2.09 -21.56 -1.73
N GLN A 159 -1.33 -21.71 -0.65
CA GLN A 159 -0.18 -22.61 -0.67
C GLN A 159 -0.59 -24.04 -0.96
N LYS A 160 -1.65 -24.54 -0.33
CA LYS A 160 -2.06 -25.91 -0.59
C LYS A 160 -2.47 -26.07 -2.05
N ALA A 161 -3.15 -25.08 -2.60
CA ALA A 161 -3.52 -25.17 -4.02
C ALA A 161 -2.29 -25.13 -4.92
N ALA A 162 -1.34 -24.25 -4.63
CA ALA A 162 -0.10 -24.19 -5.40
C ALA A 162 0.69 -25.49 -5.28
N GLN A 163 0.94 -25.95 -4.05
CA GLN A 163 1.77 -27.14 -3.87
C GLN A 163 1.14 -28.39 -4.48
N ALA A 164 -0.19 -28.41 -4.63
CA ALA A 164 -0.82 -29.54 -5.31
C ALA A 164 -0.29 -29.73 -6.72
N PHE A 165 0.04 -28.65 -7.42
CA PHE A 165 0.60 -28.73 -8.76
C PHE A 165 2.09 -29.07 -8.71
N ASN A 166 2.83 -28.34 -7.89
CA ASN A 166 4.27 -28.55 -7.77
C ASN A 166 4.63 -28.37 -6.31
N SER A 167 4.96 -29.47 -5.66
CA SER A 167 5.36 -29.49 -4.26
C SER A 167 6.51 -28.54 -3.97
N GLY A 168 7.32 -28.20 -4.99
CA GLY A 168 8.45 -27.32 -4.81
C GLY A 168 8.13 -25.84 -4.69
N LEU A 169 6.89 -25.44 -4.93
CA LEU A 169 6.55 -24.02 -4.96
C LEU A 169 6.62 -23.45 -3.54
N LEU A 170 7.29 -22.32 -3.39
CA LEU A 170 7.38 -21.60 -2.12
C LEU A 170 6.38 -20.46 -2.14
N CYS A 171 5.51 -20.40 -1.12
CA CYS A 171 4.50 -19.36 -0.99
C CYS A 171 4.69 -18.68 0.36
N VAL A 172 4.68 -17.35 0.37
CA VAL A 172 4.92 -16.58 1.58
C VAL A 172 3.95 -15.41 1.61
N ALA A 173 3.18 -15.30 2.71
CA ALA A 173 2.34 -14.13 2.95
C ALA A 173 3.24 -12.98 3.40
N CYS A 174 3.16 -11.87 2.68
CA CYS A 174 3.96 -10.69 2.90
C CYS A 174 3.09 -9.60 3.52
N GLY A 175 3.21 -8.35 3.06
CA GLY A 175 2.41 -7.23 3.58
C GLY A 175 2.49 -7.09 5.10
N SER A 176 1.41 -6.56 5.69
CA SER A 176 1.36 -6.38 7.14
C SER A 176 1.43 -7.70 7.89
N TYR A 177 0.94 -8.78 7.28
CA TYR A 177 1.08 -10.09 7.89
C TYR A 177 2.53 -10.37 8.28
N ARG A 178 3.44 -10.21 7.32
CA ARG A 178 4.84 -10.52 7.56
C ARG A 178 5.50 -9.46 8.43
N ARG A 179 4.99 -8.24 8.41
CA ARG A 179 5.48 -7.26 9.38
C ARG A 179 4.93 -7.53 10.80
N GLY A 180 4.15 -8.59 10.99
CA GLY A 180 3.77 -9.01 12.32
C GLY A 180 2.51 -8.39 12.90
N LYS A 181 1.67 -7.76 12.09
CA LYS A 181 0.57 -7.04 12.70
C LYS A 181 -0.55 -7.99 13.11
N ALA A 182 -1.30 -7.57 14.13
CA ALA A 182 -2.37 -8.40 14.70
C ALA A 182 -3.59 -8.50 13.77
N THR A 183 -3.78 -7.50 12.91
CA THR A 183 -4.84 -7.48 11.92
C THR A 183 -4.24 -7.04 10.58
N CYS A 184 -4.88 -7.47 9.51
CA CYS A 184 -4.41 -7.24 8.14
C CYS A 184 -5.53 -6.73 7.26
N GLY A 185 -5.19 -5.75 6.41
CA GLY A 185 -6.15 -5.19 5.49
C GLY A 185 -6.46 -6.14 4.35
N ASP A 186 -5.51 -6.99 3.99
N ASP A 186 -5.51 -7.00 4.01
CA ASP A 186 -5.66 -7.93 2.90
CA ASP A 186 -5.59 -7.87 2.84
C ASP A 186 -4.54 -8.96 3.04
C ASP A 186 -4.53 -8.94 3.03
N VAL A 187 -4.46 -9.88 2.09
CA VAL A 187 -3.43 -10.92 2.11
C VAL A 187 -2.63 -10.80 0.81
N ASP A 188 -1.29 -10.75 0.95
CA ASP A 188 -0.32 -10.59 -0.12
C ASP A 188 0.58 -11.83 -0.18
N VAL A 189 0.38 -12.70 -1.18
CA VAL A 189 1.07 -13.98 -1.27
C VAL A 189 2.07 -13.91 -2.42
N LEU A 190 3.34 -14.17 -2.09
CA LEU A 190 4.43 -14.21 -3.08
C LEU A 190 4.71 -15.68 -3.36
N ILE A 191 4.83 -16.04 -4.62
CA ILE A 191 5.13 -17.40 -5.02
C ILE A 191 6.37 -17.44 -5.89
N THR A 192 7.25 -18.40 -5.62
CA THR A 192 8.38 -18.62 -6.50
C THR A 192 8.70 -20.11 -6.53
N HIS A 193 9.80 -20.47 -7.19
CA HIS A 193 10.26 -21.86 -7.18
C HIS A 193 11.78 -21.87 -7.22
N PRO A 194 12.44 -22.59 -6.29
CA PRO A 194 13.91 -22.57 -6.25
C PRO A 194 14.57 -23.00 -7.55
N ASP A 195 13.92 -23.81 -8.38
CA ASP A 195 14.59 -24.27 -9.59
C ASP A 195 14.70 -23.17 -10.64
N GLY A 196 14.16 -21.98 -10.37
CA GLY A 196 14.28 -20.88 -11.30
C GLY A 196 13.47 -21.03 -12.57
N ARG A 197 12.53 -21.99 -12.61
CA ARG A 197 11.91 -22.43 -13.85
C ARG A 197 10.43 -22.66 -13.68
N SER A 198 10.06 -23.46 -12.68
CA SER A 198 8.73 -24.02 -12.64
C SER A 198 7.70 -23.08 -12.02
N HIS A 199 8.05 -21.82 -11.75
CA HIS A 199 7.04 -20.81 -11.49
C HIS A 199 6.25 -20.43 -12.76
N ARG A 200 6.81 -20.72 -13.94
CA ARG A 200 6.25 -20.17 -15.18
C ARG A 200 4.89 -20.78 -15.50
N GLY A 201 3.93 -19.93 -15.85
CA GLY A 201 2.66 -20.37 -16.39
C GLY A 201 1.75 -21.09 -15.42
N ILE A 202 1.95 -20.90 -14.12
CA ILE A 202 1.12 -21.61 -13.14
C ILE A 202 -0.18 -20.90 -12.82
N PHE A 203 -0.32 -19.62 -13.19
CA PHE A 203 -1.48 -18.84 -12.79
C PHE A 203 -2.77 -19.48 -13.29
N SER A 204 -2.78 -19.83 -14.59
CA SER A 204 -3.93 -20.49 -15.18
C SER A 204 -4.47 -21.57 -14.26
N ARG A 205 -3.59 -22.51 -13.90
CA ARG A 205 -4.04 -23.67 -13.15
C ARG A 205 -4.34 -23.30 -11.70
N LEU A 206 -3.51 -22.45 -11.09
CA LEU A 206 -3.70 -22.14 -9.68
C LEU A 206 -4.99 -21.37 -9.47
N LEU A 207 -5.22 -20.33 -10.25
CA LEU A 207 -6.45 -19.56 -10.13
C LEU A 207 -7.67 -20.44 -10.41
N ASP A 208 -7.59 -21.27 -11.45
CA ASP A 208 -8.68 -22.20 -11.73
C ASP A 208 -8.92 -23.13 -10.55
N SER A 209 -7.86 -23.60 -9.90
CA SER A 209 -8.06 -24.45 -8.74
C SER A 209 -8.74 -23.69 -7.61
N LEU A 210 -8.32 -22.45 -7.37
CA LEU A 210 -8.92 -21.69 -6.27
C LEU A 210 -10.36 -21.28 -6.59
N ARG A 211 -10.66 -21.09 -7.88
CA ARG A 211 -12.02 -20.79 -8.30
C ARG A 211 -12.93 -22.00 -8.16
N GLN A 212 -12.44 -23.17 -8.61
CA GLN A 212 -13.17 -24.43 -8.47
C GLN A 212 -13.68 -24.64 -7.07
N GLU A 213 -12.92 -24.18 -6.08
CA GLU A 213 -13.28 -24.32 -4.68
C GLU A 213 -14.51 -23.51 -4.33
N GLY A 214 -14.72 -22.38 -4.99
CA GLY A 214 -15.53 -21.30 -4.47
C GLY A 214 -14.75 -20.30 -3.64
N PHE A 215 -13.47 -20.56 -3.39
CA PHE A 215 -12.64 -19.66 -2.60
C PHE A 215 -12.43 -18.31 -3.29
N LEU A 216 -12.03 -18.32 -4.56
CA LEU A 216 -11.86 -17.08 -5.29
C LEU A 216 -13.21 -16.62 -5.81
N THR A 217 -13.68 -15.43 -5.42
CA THR A 217 -15.03 -15.01 -5.77
C THR A 217 -15.07 -13.96 -6.87
N ASP A 218 -14.03 -13.16 -7.04
CA ASP A 218 -14.04 -12.10 -8.04
C ASP A 218 -12.59 -11.81 -8.40
N ASP A 219 -12.34 -11.49 -9.66
CA ASP A 219 -11.01 -11.11 -10.15
C ASP A 219 -10.99 -9.62 -10.48
N LEU A 220 -10.01 -8.90 -9.96
CA LEU A 220 -9.82 -7.49 -10.29
C LEU A 220 -8.75 -7.27 -11.34
N VAL A 221 -7.62 -7.95 -11.21
CA VAL A 221 -6.47 -7.84 -12.12
C VAL A 221 -5.96 -9.25 -12.35
N LYS A 222 -5.69 -9.61 -13.61
CA LYS A 222 -5.16 -10.94 -13.95
C LYS A 222 -4.01 -10.71 -14.92
N GLY A 223 -2.84 -10.38 -14.38
CA GLY A 223 -1.67 -10.15 -15.20
C GLY A 223 -0.80 -11.39 -15.29
N GLU A 224 0.28 -11.25 -16.08
CA GLU A 224 1.15 -12.37 -16.24
C GLU A 224 1.93 -12.67 -14.95
N THR A 225 2.21 -11.64 -14.14
CA THR A 225 2.92 -11.86 -12.89
C THR A 225 2.10 -11.49 -11.64
N LYS A 226 1.09 -10.62 -11.74
CA LYS A 226 0.27 -10.21 -10.61
C LYS A 226 -1.18 -10.60 -10.78
N TYR A 227 -1.76 -11.10 -9.70
CA TYR A 227 -3.20 -11.30 -9.57
C TYR A 227 -3.68 -10.46 -8.40
N LEU A 228 -4.77 -9.73 -8.59
N LEU A 228 -4.78 -9.76 -8.58
CA LEU A 228 -5.46 -9.03 -7.52
CA LEU A 228 -5.46 -9.03 -7.51
C LEU A 228 -6.92 -9.47 -7.60
C LEU A 228 -6.93 -9.42 -7.58
N GLY A 229 -7.46 -9.90 -6.47
CA GLY A 229 -8.83 -10.35 -6.45
C GLY A 229 -9.45 -10.42 -5.11
N VAL A 230 -10.43 -11.29 -4.99
CA VAL A 230 -11.33 -11.37 -3.85
C VAL A 230 -11.52 -12.84 -3.52
N CYS A 231 -11.42 -13.18 -2.25
CA CYS A 231 -11.67 -14.56 -1.81
C CYS A 231 -12.58 -14.54 -0.59
N ARG A 232 -13.05 -15.72 -0.21
CA ARG A 232 -13.86 -15.85 1.01
C ARG A 232 -13.71 -17.29 1.50
N LEU A 233 -13.30 -17.45 2.75
CA LEU A 233 -13.18 -18.78 3.33
C LEU A 233 -14.57 -19.39 3.48
N PRO A 234 -14.66 -20.71 3.54
CA PRO A 234 -15.98 -21.34 3.61
C PRO A 234 -16.59 -21.25 5.01
N GLY A 235 -17.91 -21.44 5.06
CA GLY A 235 -18.64 -21.49 6.30
C GLY A 235 -19.29 -20.18 6.67
N PRO A 236 -20.00 -20.17 7.81
CA PRO A 236 -20.72 -18.96 8.22
C PRO A 236 -19.79 -17.93 8.83
N GLY A 237 -20.30 -16.70 8.91
CA GLY A 237 -19.56 -15.60 9.52
C GLY A 237 -18.33 -15.13 8.77
N ARG A 238 -18.25 -15.34 7.46
CA ARG A 238 -17.07 -15.01 6.71
C ARG A 238 -17.31 -13.80 5.83
N ARG A 239 -16.32 -12.93 5.75
N ARG A 239 -16.34 -12.90 5.79
CA ARG A 239 -16.36 -11.75 4.89
CA ARG A 239 -16.36 -11.76 4.90
C ARG A 239 -15.49 -12.00 3.66
C ARG A 239 -15.60 -12.11 3.62
N HIS A 240 -15.83 -11.32 2.57
CA HIS A 240 -14.96 -11.33 1.38
C HIS A 240 -13.69 -10.56 1.71
N ARG A 241 -12.54 -11.09 1.31
CA ARG A 241 -11.27 -10.45 1.59
C ARG A 241 -10.48 -10.22 0.31
N ARG A 242 -9.69 -9.13 0.28
CA ARG A 242 -8.80 -8.87 -0.84
C ARG A 242 -7.58 -9.78 -0.75
N LEU A 243 -7.22 -10.36 -1.88
CA LEU A 243 -6.11 -11.28 -2.02
C LEU A 243 -5.29 -10.84 -3.21
N ASP A 244 -3.99 -10.68 -3.01
CA ASP A 244 -3.05 -10.37 -4.08
C ASP A 244 -2.07 -11.55 -4.15
N ILE A 245 -1.75 -11.98 -5.37
CA ILE A 245 -0.75 -13.02 -5.57
C ILE A 245 0.23 -12.50 -6.60
N ILE A 246 1.53 -12.67 -6.34
CA ILE A 246 2.57 -12.34 -7.32
C ILE A 246 3.45 -13.57 -7.47
N VAL A 247 3.78 -13.90 -8.71
CA VAL A 247 4.64 -15.04 -9.03
C VAL A 247 5.91 -14.48 -9.67
N VAL A 248 7.06 -14.87 -9.13
CA VAL A 248 8.33 -14.26 -9.55
C VAL A 248 9.38 -15.30 -9.72
N PRO A 249 10.35 -15.07 -10.60
CA PRO A 249 11.48 -15.98 -10.74
C PRO A 249 12.36 -15.95 -9.51
N TYR A 250 12.97 -17.10 -9.21
CA TYR A 250 13.70 -17.21 -7.96
C TYR A 250 14.83 -16.18 -7.87
N SER A 251 15.43 -15.79 -9.01
CA SER A 251 16.51 -14.80 -8.96
C SER A 251 16.04 -13.45 -8.40
N GLU A 252 14.74 -13.18 -8.41
CA GLU A 252 14.22 -11.91 -7.93
C GLU A 252 13.56 -12.02 -6.56
N PHE A 253 13.69 -13.17 -5.89
CA PHE A 253 12.91 -13.46 -4.69
C PHE A 253 13.17 -12.43 -3.60
N ALA A 254 14.43 -12.13 -3.32
CA ALA A 254 14.71 -11.22 -2.22
C ALA A 254 14.15 -9.82 -2.48
N CYS A 255 14.31 -9.31 -3.69
CA CYS A 255 13.78 -7.99 -3.98
C CYS A 255 12.26 -7.99 -4.02
N ALA A 256 11.66 -9.10 -4.45
CA ALA A 256 10.20 -9.20 -4.48
C ALA A 256 9.63 -9.29 -3.07
N LEU A 257 10.25 -10.16 -2.27
CA LEU A 257 9.96 -10.24 -0.83
C LEU A 257 10.05 -8.88 -0.17
N LEU A 258 11.17 -8.20 -0.37
CA LEU A 258 11.34 -6.88 0.21
C LEU A 258 10.21 -5.94 -0.20
N TYR A 259 10.03 -5.77 -1.52
CA TYR A 259 8.91 -4.99 -2.03
C TYR A 259 7.58 -5.35 -1.36
N PHE A 260 7.20 -6.62 -1.47
CA PHE A 260 5.90 -7.07 -1.05
C PHE A 260 5.63 -7.06 0.46
N THR A 261 6.69 -7.02 1.22
CA THR A 261 6.58 -6.90 2.68
C THR A 261 6.42 -5.44 3.12
N GLY A 262 7.02 -4.50 2.38
CA GLY A 262 6.82 -3.09 2.69
C GLY A 262 7.42 -2.72 4.04
N SER A 263 6.83 -1.72 4.72
CA SER A 263 5.64 -0.98 4.30
C SER A 263 5.86 -0.12 3.05
N ALA A 264 4.78 0.48 2.52
CA ALA A 264 4.91 1.38 1.38
C ALA A 264 5.90 2.51 1.67
N HIS A 265 5.74 3.18 2.81
CA HIS A 265 6.63 4.27 3.15
C HIS A 265 8.06 3.78 3.30
N PHE A 266 8.24 2.58 3.86
CA PHE A 266 9.57 2.01 3.97
C PHE A 266 10.19 1.79 2.59
N ASN A 267 9.41 1.24 1.66
CA ASN A 267 9.94 1.00 0.32
C ASN A 267 10.36 2.31 -0.33
N ARG A 268 9.50 3.32 -0.27
CA ARG A 268 9.79 4.60 -0.92
C ARG A 268 11.04 5.23 -0.32
N SER A 269 11.22 5.09 0.99
N SER A 269 11.20 5.10 1.00
CA SER A 269 12.41 5.66 1.63
CA SER A 269 12.38 5.61 1.69
C SER A 269 13.66 4.88 1.23
C SER A 269 13.65 4.89 1.26
N MET A 270 13.58 3.56 1.18
CA MET A 270 14.73 2.77 0.74
C MET A 270 15.07 3.05 -0.73
N ARG A 271 14.04 3.23 -1.57
CA ARG A 271 14.28 3.50 -2.97
C ARG A 271 14.84 4.89 -3.17
N ALA A 272 14.34 5.88 -2.42
CA ALA A 272 14.96 7.21 -2.47
C ALA A 272 16.44 7.14 -2.08
N LEU A 273 16.76 6.34 -1.05
CA LEU A 273 18.16 6.24 -0.65
C LEU A 273 18.99 5.64 -1.77
N ALA A 274 18.49 4.58 -2.40
CA ALA A 274 19.24 3.94 -3.48
C ALA A 274 19.53 4.94 -4.58
N LYS A 275 18.56 5.79 -4.89
CA LYS A 275 18.74 6.78 -5.94
C LYS A 275 19.87 7.74 -5.59
N THR A 276 19.98 8.16 -4.32
CA THR A 276 21.07 9.05 -3.94
C THR A 276 22.45 8.44 -4.22
N LYS A 277 22.54 7.12 -4.18
CA LYS A 277 23.80 6.40 -4.36
CA LYS A 277 23.80 6.40 -4.36
C LYS A 277 24.03 5.97 -5.80
N GLY A 278 23.28 6.52 -6.76
CA GLY A 278 23.42 6.09 -8.13
C GLY A 278 22.95 4.65 -8.34
N MET A 279 22.00 4.18 -7.54
CA MET A 279 21.45 2.84 -7.66
C MET A 279 19.96 2.94 -7.87
N SER A 280 19.35 1.78 -8.14
CA SER A 280 17.91 1.72 -8.33
C SER A 280 17.40 0.43 -7.71
N LEU A 281 16.33 0.54 -6.97
CA LEU A 281 15.73 -0.62 -6.33
C LEU A 281 14.28 -0.75 -6.77
N SER A 282 13.93 -1.95 -7.20
CA SER A 282 12.58 -2.30 -7.55
C SER A 282 12.28 -3.69 -7.00
N GLU A 283 11.04 -4.12 -7.26
CA GLU A 283 10.58 -5.48 -7.02
C GLU A 283 11.39 -6.51 -7.77
N HIS A 284 12.07 -6.12 -8.85
CA HIS A 284 12.85 -7.06 -9.65
C HIS A 284 14.31 -7.17 -9.21
N ALA A 285 14.96 -6.06 -8.88
CA ALA A 285 16.40 -6.06 -8.67
C ALA A 285 16.86 -4.79 -7.96
N LEU A 286 18.03 -4.90 -7.36
CA LEU A 286 18.81 -3.73 -6.96
C LEU A 286 19.88 -3.54 -8.03
N SER A 287 19.91 -2.36 -8.65
CA SER A 287 20.88 -2.05 -9.68
C SER A 287 21.80 -0.91 -9.27
N THR A 288 23.01 -0.93 -9.84
CA THR A 288 24.07 0.03 -9.58
C THR A 288 24.54 0.61 -10.91
N ALA A 289 25.27 1.71 -10.83
CA ALA A 289 25.74 2.39 -12.03
C ALA A 289 24.56 2.82 -12.90
N VAL A 290 23.46 3.20 -12.27
CA VAL A 290 22.27 3.64 -13.00
C VAL A 290 22.50 5.07 -13.45
N VAL A 291 22.14 5.36 -14.70
CA VAL A 291 22.33 6.68 -15.25
C VAL A 291 20.97 7.36 -15.33
N ARG A 292 20.88 8.56 -14.76
CA ARG A 292 19.66 9.34 -14.77
C ARG A 292 19.95 10.72 -15.34
N ASN A 293 18.87 11.40 -15.76
CA ASN A 293 18.98 12.75 -16.29
C ASN A 293 18.86 13.78 -15.16
N THR A 294 18.87 15.06 -15.53
CA THR A 294 18.75 16.13 -14.54
C THR A 294 17.47 16.01 -13.73
N HIS A 295 16.42 15.43 -14.32
CA HIS A 295 15.10 15.38 -13.70
C HIS A 295 14.88 14.09 -12.90
N GLY A 296 15.94 13.35 -12.61
CA GLY A 296 15.87 12.14 -11.81
C GLY A 296 15.38 10.90 -12.52
N ALA A 297 15.09 10.97 -13.82
CA ALA A 297 14.54 9.83 -14.54
C ALA A 297 15.66 8.97 -15.13
N LYS A 298 15.50 7.65 -15.00
CA LYS A 298 16.47 6.72 -15.58
C LYS A 298 16.56 6.89 -17.09
N VAL A 299 17.79 7.01 -17.59
CA VAL A 299 18.06 6.99 -19.02
C VAL A 299 19.08 5.93 -19.41
N GLY A 300 19.67 5.23 -18.43
CA GLY A 300 20.52 4.09 -18.67
C GLY A 300 20.37 3.09 -17.54
N PRO A 301 20.27 1.79 -17.87
CA PRO A 301 19.78 0.82 -16.86
C PRO A 301 20.76 0.48 -15.77
N GLY A 302 22.06 0.51 -16.03
CA GLY A 302 23.00 0.02 -15.05
C GLY A 302 23.03 -1.50 -14.99
N ARG A 303 23.61 -2.00 -13.91
CA ARG A 303 23.90 -3.42 -13.72
C ARG A 303 23.12 -3.95 -12.54
N VAL A 304 22.44 -5.08 -12.74
CA VAL A 304 21.80 -5.78 -11.64
C VAL A 304 22.87 -6.32 -10.70
N LEU A 305 22.70 -6.08 -9.40
CA LEU A 305 23.57 -6.62 -8.35
C LEU A 305 22.98 -7.89 -7.79
N PRO A 306 23.82 -8.87 -7.44
CA PRO A 306 23.31 -10.12 -6.87
C PRO A 306 22.79 -9.91 -5.46
N THR A 307 21.53 -10.29 -5.25
CA THR A 307 20.86 -10.12 -3.96
C THR A 307 20.14 -11.41 -3.61
N PRO A 308 20.88 -12.45 -3.23
CA PRO A 308 20.23 -13.71 -2.82
C PRO A 308 19.29 -13.56 -1.63
N THR A 309 19.52 -12.61 -0.73
CA THR A 309 18.70 -12.43 0.46
C THR A 309 18.35 -10.95 0.65
N GLU A 310 17.27 -10.72 1.41
CA GLU A 310 16.99 -9.35 1.85
C GLU A 310 18.19 -8.68 2.50
N LYS A 311 18.91 -9.40 3.36
CA LYS A 311 20.05 -8.76 4.02
C LYS A 311 21.07 -8.21 3.00
N ASP A 312 21.24 -8.88 1.87
CA ASP A 312 22.15 -8.38 0.85
C ASP A 312 21.72 -7.02 0.31
N VAL A 313 20.40 -6.79 0.16
CA VAL A 313 19.94 -5.50 -0.33
C VAL A 313 20.33 -4.40 0.67
N PHE A 314 20.08 -4.66 1.95
CA PHE A 314 20.49 -3.72 2.98
C PHE A 314 22.00 -3.47 2.92
N ARG A 315 22.76 -4.56 2.91
CA ARG A 315 24.23 -4.46 2.94
C ARG A 315 24.73 -3.61 1.77
N LEU A 316 24.28 -3.91 0.56
CA LEU A 316 24.73 -3.19 -0.62
C LEU A 316 24.33 -1.72 -0.57
N LEU A 317 23.26 -1.39 0.16
CA LEU A 317 22.86 -0.01 0.38
C LEU A 317 23.56 0.64 1.56
N GLY A 318 24.42 -0.09 2.25
CA GLY A 318 25.12 0.47 3.40
C GLY A 318 24.25 0.62 4.64
N LEU A 319 23.18 -0.19 4.77
CA LEU A 319 22.27 -0.05 5.90
C LEU A 319 22.30 -1.28 6.80
N PRO A 320 22.00 -1.11 8.09
CA PRO A 320 21.81 -2.28 8.95
C PRO A 320 20.53 -3.00 8.57
N TYR A 321 20.58 -4.33 8.66
CA TYR A 321 19.41 -5.12 8.32
C TYR A 321 18.27 -4.84 9.29
N ARG A 322 17.06 -4.74 8.77
CA ARG A 322 15.87 -4.58 9.59
C ARG A 322 14.94 -5.76 9.38
N GLU A 323 14.50 -6.38 10.47
CA GLU A 323 13.51 -7.43 10.36
C GLU A 323 12.19 -6.81 9.91
N PRO A 324 11.30 -7.61 9.34
CA PRO A 324 10.04 -7.04 8.81
C PRO A 324 9.30 -6.17 9.80
N ALA A 325 9.34 -6.51 11.11
CA ALA A 325 8.56 -5.75 12.09
C ALA A 325 9.09 -4.33 12.26
N GLU A 326 10.38 -4.09 12.04
CA GLU A 326 10.91 -2.73 12.09
C GLU A 326 10.83 -2.03 10.74
N ARG A 327 10.07 -2.56 9.79
CA ARG A 327 9.81 -1.88 8.53
C ARG A 327 8.40 -1.32 8.48
N ASP A 328 7.73 -1.27 9.64
CA ASP A 328 6.31 -0.87 9.67
C ASP A 328 6.21 0.65 9.76
N TRP A 329 6.67 1.30 8.70
CA TRP A 329 6.70 2.75 8.66
C TRP A 329 5.42 3.34 8.08
O11 PPV E . 1.61 -3.11 3.86
P1 PPV E . 0.33 -3.49 3.25
O21 PPV E . 0.27 -4.88 2.79
O31 PPV E . -0.10 -2.50 2.19
OPP PPV E . -0.77 -3.40 4.40
OPP PPV E . -0.77 -3.40 4.40
P2 PPV E . -1.98 -4.48 4.30
O12 PPV E . -2.63 -4.50 5.66
O22 PPV E . -2.53 -3.95 3.01
O32 PPV E . -1.49 -5.91 4.10
MN MN F . -1.36 -5.79 1.96
MN MN G . -2.56 -6.39 -1.23
MN MN H . -19.07 -10.26 1.94
NA NA I . -10.49 3.62 -4.79
NA NA J . 12.79 20.90 9.66
NA NA K . -29.73 12.07 -12.12
C1 EDO L . -23.71 -1.43 -9.67
O1 EDO L . -22.89 -2.46 -10.15
C2 EDO L . -25.15 -1.76 -10.04
O2 EDO L . -25.52 -2.89 -9.27
C1 EDO M . -11.20 0.26 -0.32
O1 EDO M . -11.39 -0.03 -1.68
C2 EDO M . -10.07 -0.61 0.19
O2 EDO M . -9.16 -0.75 -0.88
C1 EDO N . 15.04 -14.05 1.01
O1 EDO N . 15.71 -13.32 2.01
C2 EDO N . 15.58 -15.47 0.95
O2 EDO N . 15.58 -15.96 2.26
C1 EDO O . -21.25 -7.38 -10.25
O1 EDO O . -19.86 -7.28 -10.10
C1 EDO P . -12.01 5.54 -17.06
O1 EDO P . -11.96 5.95 -18.42
C2 EDO P . -10.69 5.95 -16.42
O2 EDO P . -10.25 7.17 -16.99
#